data_7DNS
#
_entry.id   7DNS
#
_cell.length_a   45.980
_cell.length_b   33.660
_cell.length_c   58.380
_cell.angle_alpha   90.000
_cell.angle_beta   93.110
_cell.angle_gamma   90.000
#
_symmetry.space_group_name_H-M   'P 1 21 1'
#
loop_
_entity.id
_entity.type
_entity.pdbx_description
1 polymer 'de novo designed protein'
2 non-polymer GLYCEROL
3 water water
#
_entity_poly.entity_id   1
_entity_poly.type   'polypeptide(L)'
_entity_poly.pdbx_seq_one_letter_code
;GGHMGEEQKEIETLVELFAEAFREAKRQKKNGTPEEWARDAVEEAARQQGRSRKDVVEALTKYAQEQGRDELLKRLGITP
EIYKVIQQIRKEEGSLE
;
_entity_poly.pdbx_strand_id   A,B
#
loop_
_chem_comp.id
_chem_comp.type
_chem_comp.name
_chem_comp.formula
GOL non-polymer GLYCEROL 'C3 H8 O3'
#
# COMPACT_ATOMS: atom_id res chain seq x y z
N GLY A 5 11.83 -16.89 -16.51
CA GLY A 5 12.33 -18.26 -16.45
C GLY A 5 11.50 -19.15 -15.57
N GLU A 6 12.01 -20.37 -15.31
CA GLU A 6 11.28 -21.30 -14.45
C GLU A 6 11.12 -20.75 -13.04
N GLU A 7 12.07 -19.95 -12.57
CA GLU A 7 11.94 -19.33 -11.25
C GLU A 7 10.82 -18.31 -11.23
N GLN A 8 10.71 -17.49 -12.30
CA GLN A 8 9.59 -16.56 -12.40
C GLN A 8 8.26 -17.28 -12.37
N LYS A 9 8.17 -18.43 -13.06
CA LYS A 9 6.92 -19.18 -13.09
C LYS A 9 6.57 -19.73 -11.71
N GLU A 10 7.57 -20.23 -10.97
CA GLU A 10 7.30 -20.73 -9.63
C GLU A 10 6.82 -19.62 -8.70
N ILE A 11 7.41 -18.43 -8.83
CA ILE A 11 7.00 -17.29 -8.02
C ILE A 11 5.57 -16.90 -8.35
N GLU A 12 5.25 -16.80 -9.65
CA GLU A 12 3.92 -16.42 -10.07
C GLU A 12 2.86 -17.36 -9.50
N THR A 13 3.13 -18.66 -9.53
CA THR A 13 2.16 -19.63 -9.02
C THR A 13 1.90 -19.43 -7.53
N LEU A 14 2.96 -19.28 -6.74
CA LEU A 14 2.79 -19.07 -5.31
C LEU A 14 2.09 -17.74 -5.03
N VAL A 15 2.44 -16.69 -5.78
CA VAL A 15 1.77 -15.41 -5.62
C VAL A 15 0.28 -15.53 -5.92
N GLU A 16 -0.05 -16.22 -7.01
CA GLU A 16 -1.45 -16.35 -7.39
C GLU A 16 -2.25 -17.15 -6.35
N LEU A 17 -1.67 -18.26 -5.87
CA LEU A 17 -2.35 -19.06 -4.85
C LEU A 17 -2.53 -18.27 -3.56
N PHE A 18 -1.52 -17.49 -3.19
CA PHE A 18 -1.64 -16.67 -1.99
C PHE A 18 -2.71 -15.59 -2.16
N ALA A 19 -2.76 -14.97 -3.33
CA ALA A 19 -3.75 -13.92 -3.57
C ALA A 19 -5.16 -14.49 -3.64
N GLU A 20 -5.32 -15.68 -4.23
CA GLU A 20 -6.62 -16.32 -4.23
C GLU A 20 -7.06 -16.70 -2.82
N ALA A 21 -6.13 -17.21 -2.01
CA ALA A 21 -6.49 -17.60 -0.65
C ALA A 21 -6.74 -16.39 0.22
N PHE A 22 -6.00 -15.30 0.00
CA PHE A 22 -6.20 -14.08 0.78
C PHE A 22 -7.55 -13.45 0.48
N ARG A 23 -7.94 -13.38 -0.80
CA ARG A 23 -9.26 -12.85 -1.13
C ARG A 23 -10.35 -13.75 -0.57
N GLU A 24 -10.13 -15.07 -0.53
CA GLU A 24 -11.11 -15.99 0.01
C GLU A 24 -11.20 -15.90 1.54
N ALA A 25 -10.06 -15.73 2.21
CA ALA A 25 -10.08 -15.56 3.67
C ALA A 25 -10.77 -14.27 4.07
N LYS A 26 -10.54 -13.20 3.30
CA LYS A 26 -11.25 -11.94 3.54
C LYS A 26 -12.74 -12.11 3.36
N ARG A 27 -13.15 -12.92 2.37
CA ARG A 27 -14.56 -13.16 2.15
C ARG A 27 -15.18 -14.01 3.26
N GLN A 28 -14.47 -15.04 3.71
CA GLN A 28 -15.04 -15.97 4.69
C GLN A 28 -15.04 -15.43 6.11
N LYS A 29 -14.07 -14.56 6.42
CA LYS A 29 -13.91 -13.99 7.76
C LYS A 29 -13.86 -12.47 7.64
N LYS A 30 -15.02 -11.88 7.34
CA LYS A 30 -15.09 -10.45 7.05
C LYS A 30 -14.68 -9.60 8.25
N ASN A 31 -14.91 -10.09 9.47
CA ASN A 31 -14.49 -9.35 10.66
C ASN A 31 -13.04 -9.62 11.05
N GLY A 32 -12.34 -10.49 10.33
CA GLY A 32 -10.94 -10.73 10.60
C GLY A 32 -10.08 -9.52 10.28
N THR A 33 -8.79 -9.66 10.53
CA THR A 33 -7.81 -8.63 10.24
C THR A 33 -6.98 -9.00 9.01
N PRO A 34 -6.38 -8.02 8.34
CA PRO A 34 -5.43 -8.34 7.26
C PRO A 34 -4.34 -9.31 7.68
N GLU A 35 -3.93 -9.30 8.95
CA GLU A 35 -2.93 -10.25 9.41
C GLU A 35 -3.52 -11.66 9.48
N GLU A 36 -4.73 -11.79 10.03
CA GLU A 36 -5.43 -13.08 10.04
C GLU A 36 -5.51 -13.68 8.63
N TRP A 37 -5.93 -12.87 7.67
CA TRP A 37 -6.12 -13.36 6.31
C TRP A 37 -4.78 -13.75 5.68
N ALA A 38 -3.74 -12.94 5.89
CA ALA A 38 -2.43 -13.24 5.34
C ALA A 38 -1.88 -14.53 5.92
N ARG A 39 -2.11 -14.77 7.21
CA ARG A 39 -1.58 -15.98 7.84
C ARG A 39 -2.33 -17.21 7.35
N ASP A 40 -3.67 -17.12 7.23
CA ASP A 40 -4.43 -18.19 6.60
C ASP A 40 -3.96 -18.43 5.17
N ALA A 41 -3.78 -17.33 4.41
CA ALA A 41 -3.40 -17.47 3.00
C ALA A 41 -2.02 -18.09 2.82
N VAL A 42 -1.06 -17.74 3.69
CA VAL A 42 0.26 -18.36 3.60
C VAL A 42 0.17 -19.85 3.87
N GLU A 43 -0.56 -20.22 4.93
CA GLU A 43 -0.79 -21.62 5.22
C GLU A 43 -1.45 -22.33 4.04
N GLU A 44 -2.47 -21.72 3.45
CA GLU A 44 -3.23 -22.36 2.39
C GLU A 44 -2.39 -22.54 1.13
N ALA A 45 -1.76 -21.46 0.65
CA ALA A 45 -0.92 -21.56 -0.53
C ALA A 45 0.22 -22.55 -0.33
N ALA A 46 0.75 -22.64 0.89
CA ALA A 46 1.84 -23.57 1.15
C ALA A 46 1.39 -25.02 1.01
N ARG A 47 0.18 -25.34 1.48
CA ARG A 47 -0.28 -26.72 1.39
C ARG A 47 -0.71 -27.08 -0.03
N GLN A 48 -1.19 -26.11 -0.80
CA GLN A 48 -1.58 -26.38 -2.19
C GLN A 48 -0.38 -26.78 -3.03
N GLN A 49 0.58 -25.86 -3.20
CA GLN A 49 1.78 -26.13 -3.99
C GLN A 49 2.69 -27.18 -3.35
N GLY A 50 2.44 -27.56 -2.10
CA GLY A 50 3.37 -28.44 -1.41
C GLY A 50 4.69 -27.74 -1.18
N ARG A 51 4.63 -26.58 -0.54
CA ARG A 51 5.80 -25.77 -0.23
C ARG A 51 5.77 -25.38 1.23
N SER A 52 6.88 -24.85 1.73
CA SER A 52 6.91 -24.33 3.08
C SER A 52 6.21 -22.98 3.13
N ARG A 53 5.90 -22.54 4.36
CA ARG A 53 5.40 -21.19 4.54
C ARG A 53 6.49 -20.16 4.28
N LYS A 54 7.75 -20.52 4.56
CA LYS A 54 8.87 -19.65 4.21
C LYS A 54 8.91 -19.44 2.71
N ASP A 55 8.73 -20.52 1.94
CA ASP A 55 8.73 -20.39 0.48
C ASP A 55 7.65 -19.44 -0.01
N VAL A 56 6.52 -19.36 0.69
CA VAL A 56 5.43 -18.49 0.25
C VAL A 56 5.80 -17.02 0.42
N VAL A 57 6.25 -16.64 1.62
CA VAL A 57 6.59 -15.24 1.84
C VAL A 57 7.86 -14.86 1.07
N GLU A 58 8.74 -15.84 0.83
CA GLU A 58 9.88 -15.63 -0.07
C GLU A 58 9.40 -15.14 -1.44
N ALA A 59 8.48 -15.89 -2.05
CA ALA A 59 7.97 -15.52 -3.37
C ALA A 59 7.26 -14.17 -3.34
N LEU A 60 6.45 -13.93 -2.31
CA LEU A 60 5.75 -12.65 -2.19
C LEU A 60 6.74 -11.49 -2.10
N THR A 61 7.85 -11.70 -1.38
CA THR A 61 8.87 -10.66 -1.28
C THR A 61 9.57 -10.43 -2.62
N LYS A 62 9.96 -11.53 -3.29
CA LYS A 62 10.58 -11.41 -4.61
C LYS A 62 9.65 -10.72 -5.60
N TYR A 63 8.36 -11.07 -5.56
CA TYR A 63 7.40 -10.45 -6.45
C TYR A 63 7.30 -8.96 -6.20
N ALA A 64 7.23 -8.56 -4.92
CA ALA A 64 7.14 -7.13 -4.60
C ALA A 64 8.36 -6.37 -5.10
N GLN A 65 9.55 -6.96 -4.98
CA GLN A 65 10.75 -6.22 -5.36
C GLN A 65 10.90 -6.15 -6.88
N GLU A 66 10.56 -7.22 -7.60
CA GLU A 66 10.77 -7.26 -9.04
C GLU A 66 9.61 -6.67 -9.84
N GLN A 67 8.38 -6.80 -9.34
CA GLN A 67 7.21 -6.24 -10.02
C GLN A 67 6.70 -4.95 -9.39
N GLY A 68 6.98 -4.70 -8.12
CA GLY A 68 6.50 -3.52 -7.44
C GLY A 68 5.56 -3.87 -6.31
N ARG A 69 5.49 -3.03 -5.27
CA ARG A 69 4.59 -3.28 -4.16
C ARG A 69 3.13 -3.12 -4.57
N ASP A 70 2.84 -2.11 -5.39
CA ASP A 70 1.46 -1.90 -5.83
C ASP A 70 0.96 -3.05 -6.70
N GLU A 71 1.85 -3.72 -7.42
CA GLU A 71 1.45 -4.86 -8.23
C GLU A 71 0.90 -5.98 -7.36
N LEU A 72 1.65 -6.35 -6.31
CA LEU A 72 1.16 -7.36 -5.37
C LEU A 72 -0.14 -6.91 -4.71
N LEU A 73 -0.22 -5.62 -4.35
CA LEU A 73 -1.41 -5.13 -3.66
C LEU A 73 -2.64 -5.19 -4.57
N LYS A 74 -2.47 -4.91 -5.87
CA LYS A 74 -3.60 -4.98 -6.79
C LYS A 74 -4.17 -6.40 -6.85
N ARG A 75 -3.31 -7.42 -6.83
CA ARG A 75 -3.77 -8.79 -6.86
C ARG A 75 -4.47 -9.20 -5.56
N LEU A 76 -4.06 -8.63 -4.43
CA LEU A 76 -4.76 -8.86 -3.17
C LEU A 76 -6.07 -8.10 -3.08
N GLY A 77 -6.28 -7.11 -3.95
CA GLY A 77 -7.47 -6.29 -3.84
C GLY A 77 -7.39 -5.25 -2.74
N ILE A 78 -6.18 -4.86 -2.35
CA ILE A 78 -5.95 -3.99 -1.21
C ILE A 78 -5.62 -2.59 -1.70
N THR A 79 -6.35 -1.60 -1.18
CA THR A 79 -6.00 -0.21 -1.34
C THR A 79 -5.39 0.29 -0.04
N PRO A 80 -4.16 0.81 -0.05
CA PRO A 80 -3.57 1.30 1.19
C PRO A 80 -4.44 2.38 1.84
N GLU A 81 -4.40 2.42 3.17
CA GLU A 81 -5.24 3.34 3.93
C GLU A 81 -5.04 4.78 3.49
N ILE A 82 -3.81 5.15 3.15
CA ILE A 82 -3.52 6.54 2.79
C ILE A 82 -4.29 6.93 1.54
N TYR A 83 -4.41 6.00 0.57
CA TYR A 83 -5.19 6.29 -0.62
C TYR A 83 -6.68 6.28 -0.33
N LYS A 84 -7.12 5.40 0.57
CA LYS A 84 -8.50 5.45 1.04
C LYS A 84 -8.83 6.84 1.59
N VAL A 85 -7.90 7.46 2.31
CA VAL A 85 -8.13 8.79 2.83
C VAL A 85 -8.02 9.83 1.72
N ILE A 86 -7.14 9.64 0.75
CA ILE A 86 -7.05 10.57 -0.37
C ILE A 86 -8.35 10.54 -1.18
N GLN A 87 -8.92 9.35 -1.39
CA GLN A 87 -10.18 9.29 -2.11
C GLN A 87 -11.34 9.84 -1.29
N GLN A 88 -11.30 9.67 0.04
CA GLN A 88 -12.35 10.24 0.88
C GLN A 88 -12.31 11.76 0.84
N ILE A 89 -11.11 12.35 0.96
CA ILE A 89 -10.97 13.79 0.82
C ILE A 89 -11.38 14.22 -0.59
N ARG A 90 -10.98 13.46 -1.60
CA ARG A 90 -11.38 13.73 -2.97
C ARG A 90 -12.90 13.74 -3.11
N LYS A 91 -13.56 12.77 -2.47
CA LYS A 91 -15.03 12.76 -2.46
C LYS A 91 -15.58 13.93 -1.65
N GLU A 92 -14.90 14.31 -0.56
CA GLU A 92 -15.38 15.42 0.26
C GLU A 92 -15.25 16.74 -0.47
N GLU A 93 -14.18 16.92 -1.24
CA GLU A 93 -13.94 18.16 -1.96
C GLU A 93 -14.46 18.11 -3.40
N GLY A 94 -15.38 17.18 -3.65
CA GLY A 94 -15.94 17.02 -4.98
N GLU B 7 2.92 20.84 -16.85
CA GLU B 7 1.99 19.85 -16.31
C GLU B 7 2.72 18.89 -15.38
N GLN B 8 3.82 18.30 -15.87
CA GLN B 8 4.58 17.36 -15.05
C GLN B 8 5.23 18.06 -13.87
N LYS B 9 5.82 19.23 -14.10
CA LYS B 9 6.48 19.97 -13.02
C LYS B 9 5.46 20.43 -11.98
N GLU B 10 4.27 20.83 -12.42
CA GLU B 10 3.25 21.30 -11.48
C GLU B 10 2.82 20.19 -10.52
N ILE B 11 2.69 18.96 -11.03
CA ILE B 11 2.23 17.87 -10.19
C ILE B 11 3.34 17.36 -9.28
N GLU B 12 4.57 17.29 -9.77
CA GLU B 12 5.66 16.79 -8.94
C GLU B 12 5.98 17.74 -7.79
N THR B 13 5.76 19.04 -7.98
CA THR B 13 6.01 20.01 -6.92
C THR B 13 4.90 19.95 -5.86
N LEU B 14 3.65 19.74 -6.27
CA LEU B 14 2.58 19.54 -5.32
C LEU B 14 2.79 18.28 -4.50
N VAL B 15 3.21 17.20 -5.15
CA VAL B 15 3.51 15.96 -4.43
C VAL B 15 4.63 16.18 -3.43
N GLU B 16 5.62 16.99 -3.81
CA GLU B 16 6.72 17.30 -2.89
C GLU B 16 6.20 18.03 -1.65
N LEU B 17 5.37 19.05 -1.85
CA LEU B 17 4.83 19.80 -0.71
C LEU B 17 3.99 18.91 0.17
N PHE B 18 3.09 18.12 -0.43
CA PHE B 18 2.26 17.21 0.34
C PHE B 18 3.11 16.21 1.10
N ALA B 19 4.18 15.72 0.48
CA ALA B 19 5.00 14.70 1.12
C ALA B 19 5.73 15.26 2.33
N GLU B 20 6.34 16.44 2.21
CA GLU B 20 7.05 17.01 3.35
C GLU B 20 6.09 17.54 4.40
N ALA B 21 4.91 18.03 4.00
CA ALA B 21 3.90 18.36 5.00
C ALA B 21 3.41 17.12 5.73
N PHE B 22 3.36 15.98 5.03
CA PHE B 22 2.97 14.72 5.68
C PHE B 22 4.02 14.28 6.70
N ARG B 23 5.30 14.26 6.29
CA ARG B 23 6.37 13.93 7.23
C ARG B 23 6.40 14.90 8.41
N GLU B 24 6.17 16.19 8.14
CA GLU B 24 6.14 17.18 9.20
C GLU B 24 4.99 16.91 10.17
N ALA B 25 3.80 16.66 9.63
CA ALA B 25 2.65 16.36 10.49
C ALA B 25 2.88 15.09 11.31
N LYS B 26 3.58 14.11 10.74
CA LYS B 26 3.88 12.89 11.47
C LYS B 26 4.87 13.16 12.61
N ARG B 27 5.73 14.17 12.45
CA ARG B 27 6.66 14.52 13.52
C ARG B 27 5.96 15.34 14.60
N GLN B 28 5.09 16.26 14.20
CA GLN B 28 4.37 17.10 15.15
C GLN B 28 3.24 16.34 15.83
N LYS B 29 2.71 15.29 15.20
CA LYS B 29 1.63 14.47 15.77
C LYS B 29 2.06 13.01 15.74
N LYS B 30 3.13 12.69 16.49
CA LYS B 30 3.71 11.35 16.41
C LYS B 30 2.73 10.27 16.84
N ASN B 31 1.79 10.58 17.72
CA ASN B 31 0.78 9.62 18.14
C ASN B 31 -0.52 9.78 17.37
N GLY B 32 -0.52 10.57 16.30
CA GLY B 32 -1.70 10.75 15.49
C GLY B 32 -1.90 9.61 14.50
N THR B 33 -2.98 9.69 13.76
CA THR B 33 -3.25 8.65 12.78
C THR B 33 -2.76 9.07 11.40
N PRO B 34 -2.59 8.12 10.49
CA PRO B 34 -2.29 8.49 9.10
C PRO B 34 -3.31 9.43 8.49
N GLU B 35 -4.59 9.27 8.84
CA GLU B 35 -5.61 10.14 8.29
C GLU B 35 -5.43 11.58 8.74
N GLU B 36 -5.07 11.78 10.01
CA GLU B 36 -4.82 13.13 10.50
C GLU B 36 -3.64 13.75 9.76
N TRP B 37 -2.60 12.97 9.49
CA TRP B 37 -1.43 13.49 8.78
C TRP B 37 -1.79 13.85 7.34
N ALA B 38 -2.48 12.96 6.64
CA ALA B 38 -2.85 13.24 5.25
C ALA B 38 -3.73 14.47 5.15
N ARG B 39 -4.70 14.61 6.05
CA ARG B 39 -5.57 15.78 6.00
C ARG B 39 -4.81 17.07 6.33
N ASP B 40 -3.89 17.01 7.31
CA ASP B 40 -3.03 18.16 7.57
C ASP B 40 -2.22 18.54 6.35
N ALA B 41 -1.66 17.54 5.67
CA ALA B 41 -0.76 17.80 4.55
C ALA B 41 -1.51 18.34 3.34
N VAL B 42 -2.74 17.86 3.11
CA VAL B 42 -3.55 18.36 2.00
C VAL B 42 -3.85 19.85 2.18
N GLU B 43 -4.34 20.20 3.37
CA GLU B 43 -4.57 21.62 3.68
C GLU B 43 -3.26 22.41 3.66
N GLU B 44 -2.19 21.84 4.19
CA GLU B 44 -0.91 22.52 4.21
C GLU B 44 -0.46 22.89 2.79
N ALA B 45 -0.33 21.87 1.93
CA ALA B 45 0.13 22.11 0.55
C ALA B 45 -0.78 23.08 -0.18
N ALA B 46 -2.10 22.98 0.04
CA ALA B 46 -3.03 23.91 -0.59
C ALA B 46 -2.76 25.34 -0.13
N ARG B 47 -2.48 25.51 1.17
CA ARG B 47 -2.19 26.84 1.69
C ARG B 47 -0.88 27.39 1.14
N GLN B 48 0.16 26.53 1.06
CA GLN B 48 1.46 26.97 0.57
C GLN B 48 1.36 27.56 -0.83
N GLN B 49 0.58 26.92 -1.69
CA GLN B 49 0.50 27.31 -3.10
C GLN B 49 -0.73 28.16 -3.41
N GLY B 50 -1.48 28.56 -2.39
CA GLY B 50 -2.70 29.32 -2.62
C GLY B 50 -3.63 28.63 -3.60
N ARG B 51 -3.91 27.35 -3.37
CA ARG B 51 -4.77 26.55 -4.22
C ARG B 51 -5.82 25.86 -3.36
N SER B 52 -6.75 25.17 -4.02
CA SER B 52 -7.83 24.49 -3.33
C SER B 52 -7.40 23.11 -2.89
N ARG B 53 -8.14 22.57 -1.91
CA ARG B 53 -7.87 21.20 -1.46
C ARG B 53 -8.07 20.19 -2.58
N LYS B 54 -9.07 20.44 -3.44
CA LYS B 54 -9.38 19.50 -4.50
C LYS B 54 -8.24 19.39 -5.52
N ASP B 55 -7.51 20.49 -5.74
CA ASP B 55 -6.37 20.45 -6.66
C ASP B 55 -5.25 19.57 -6.12
N VAL B 56 -5.08 19.55 -4.80
CA VAL B 56 -4.00 18.77 -4.19
C VAL B 56 -4.26 17.28 -4.35
N VAL B 57 -5.46 16.83 -3.97
CA VAL B 57 -5.74 15.39 -4.01
C VAL B 57 -5.91 14.92 -5.45
N GLU B 58 -6.33 15.80 -6.34
CA GLU B 58 -6.34 15.45 -7.76
C GLU B 58 -4.93 15.25 -8.28
N ALA B 59 -4.01 16.14 -7.92
CA ALA B 59 -2.61 16.00 -8.32
C ALA B 59 -2.00 14.73 -7.73
N LEU B 60 -2.39 14.39 -6.50
CA LEU B 60 -1.94 13.15 -5.89
C LEU B 60 -2.44 11.95 -6.66
N THR B 61 -3.73 11.93 -7.00
CA THR B 61 -4.30 10.80 -7.74
C THR B 61 -3.67 10.66 -9.11
N LYS B 62 -3.41 11.78 -9.78
CA LYS B 62 -2.79 11.73 -11.10
C LYS B 62 -1.35 11.24 -11.01
N TYR B 63 -0.59 11.74 -10.03
CA TYR B 63 0.77 11.26 -9.82
C TYR B 63 0.79 9.76 -9.50
N ALA B 64 -0.16 9.31 -8.67
CA ALA B 64 -0.19 7.90 -8.31
C ALA B 64 -0.53 7.02 -9.50
N GLN B 65 -1.33 7.54 -10.44
CA GLN B 65 -1.72 6.75 -11.60
C GLN B 65 -0.64 6.68 -12.66
N GLU B 66 0.17 7.73 -12.80
CA GLU B 66 1.22 7.72 -13.82
C GLU B 66 2.49 7.07 -13.30
N GLN B 67 2.78 7.22 -12.00
CA GLN B 67 4.03 6.76 -11.44
C GLN B 67 3.90 5.49 -10.61
N GLY B 68 2.69 5.12 -10.22
CA GLY B 68 2.51 3.97 -9.37
C GLY B 68 2.14 4.37 -7.95
N ARG B 69 1.50 3.43 -7.26
CA ARG B 69 0.98 3.71 -5.92
C ARG B 69 2.07 3.73 -4.88
N ASP B 70 3.04 2.81 -4.97
CA ASP B 70 4.05 2.70 -3.94
C ASP B 70 5.07 3.84 -3.97
N GLU B 71 5.13 4.60 -5.06
CA GLU B 71 6.11 5.68 -5.13
C GLU B 71 5.73 6.84 -4.22
N LEU B 72 4.46 7.23 -4.23
CA LEU B 72 3.98 8.25 -3.31
C LEU B 72 4.14 7.80 -1.86
N LEU B 73 3.94 6.50 -1.60
CA LEU B 73 4.08 5.98 -0.24
C LEU B 73 5.54 5.97 0.20
N LYS B 74 6.47 5.79 -0.72
CA LYS B 74 7.88 5.88 -0.37
C LYS B 74 8.23 7.28 0.13
N ARG B 75 7.65 8.30 -0.52
CA ARG B 75 7.89 9.68 -0.09
C ARG B 75 7.27 9.95 1.27
N LEU B 76 6.10 9.36 1.54
CA LEU B 76 5.44 9.50 2.83
C LEU B 76 6.13 8.71 3.93
N GLY B 77 7.00 7.76 3.59
CA GLY B 77 7.59 6.89 4.59
C GLY B 77 6.57 5.95 5.20
N ILE B 78 5.56 5.55 4.43
CA ILE B 78 4.48 4.70 4.91
C ILE B 78 4.59 3.35 4.22
N THR B 79 4.64 2.29 5.03
CA THR B 79 4.61 0.93 4.51
C THR B 79 3.22 0.35 4.70
N PRO B 80 2.57 -0.13 3.64
CA PRO B 80 1.22 -0.70 3.80
C PRO B 80 1.20 -1.81 4.86
N GLU B 81 0.09 -1.86 5.59
CA GLU B 81 -0.06 -2.79 6.70
C GLU B 81 0.14 -4.24 6.25
N ILE B 82 -0.38 -4.59 5.07
CA ILE B 82 -0.28 -5.97 4.63
C ILE B 82 1.17 -6.36 4.38
N TYR B 83 2.00 -5.40 3.95
CA TYR B 83 3.41 -5.71 3.72
C TYR B 83 4.20 -5.75 5.02
N LYS B 84 3.79 -5.01 6.04
CA LYS B 84 4.39 -5.21 7.36
C LYS B 84 4.00 -6.57 7.93
N VAL B 85 2.82 -7.07 7.56
CA VAL B 85 2.41 -8.41 8.00
C VAL B 85 3.25 -9.47 7.31
N ILE B 86 3.39 -9.36 5.98
CA ILE B 86 4.21 -10.32 5.24
C ILE B 86 5.61 -10.37 5.80
N GLN B 87 6.24 -9.21 6.00
CA GLN B 87 7.59 -9.19 6.52
C GLN B 87 7.67 -9.68 7.95
N GLN B 88 6.60 -9.55 8.73
CA GLN B 88 6.58 -10.15 10.06
C GLN B 88 6.58 -11.67 9.95
N ILE B 89 5.81 -12.22 9.01
CA ILE B 89 5.80 -13.67 8.83
C ILE B 89 7.14 -14.14 8.31
N ARG B 90 7.72 -13.43 7.34
CA ARG B 90 9.04 -13.79 6.86
C ARG B 90 10.06 -13.79 7.99
N LYS B 91 9.95 -12.84 8.92
CA LYS B 91 10.83 -12.85 10.08
C LYS B 91 10.63 -14.11 10.91
N GLU B 92 9.36 -14.48 11.13
CA GLU B 92 9.08 -15.67 11.92
C GLU B 92 9.60 -16.94 11.25
N GLU B 93 9.40 -17.08 9.93
CA GLU B 93 9.87 -18.27 9.26
C GLU B 93 11.39 -18.37 9.24
N GLY B 94 12.09 -17.25 9.37
CA GLY B 94 13.54 -17.26 9.44
C GLY B 94 14.06 -17.81 10.76
C1 GOL C . 0.50 -6.15 12.51
O1 GOL C . -0.30 -5.00 12.51
C2 GOL C . 1.97 -5.67 12.42
O2 GOL C . 2.42 -5.19 13.64
C3 GOL C . 2.77 -6.92 11.97
O3 GOL C . 2.34 -7.97 12.76
#